data_7R0X
#
_entry.id   7R0X
#
_cell.length_a   106.818
_cell.length_b   106.818
_cell.length_c   78.140
_cell.angle_alpha   90.000
_cell.angle_beta   90.000
_cell.angle_gamma   90.000
#
_symmetry.space_group_name_H-M   'I 4'
#
loop_
_entity.id
_entity.type
_entity.pdbx_description
1 polymer 'Polyketide synthase'
2 water water
#
_entity_poly.entity_id   1
_entity_poly.type   'polypeptide(L)'
_entity_poly.pdbx_seq_one_letter_code
;AESTEAAPTLSAEQGATAHGRQMGKAWLKQYPECIPLSRQLRAGDEREHDRSRFWIHPLTGSTGLYLKVAENLGDDYAIW
GIHSRGFLTRHPPLKSIES(MSE)ANYYIEILQAGNATGPYELAGYS(MSE)GGIIAYE(MSE)ARQLQLAGYRVSSLIL
LEPPFPHPEHLHQSSPFYYHDALLMSANFFLHYSLKDIVASGQVAFETLAYREQELMGIDADKQVTWLAEGCLRKGVEQP
LSVVKEKIEN(MSE)AQILKHNREAMAAYVVKALPNAHDIDLHY(MSE)TVSQSSNGARSDKGNTSSALAENNRHVLGEA
LTHDESHCQRWLDYLPGAQVFRTRAKDHFHLLSERESVAMISDRCRTIYQNASARKTTTADAEE
;
_entity_poly.pdbx_strand_id   A
#
# COMPACT_ATOMS: atom_id res chain seq x y z
N TYR A 31 11.14 1.87 19.13
CA TYR A 31 11.96 1.97 17.92
C TYR A 31 11.67 3.25 17.14
N PRO A 32 12.14 4.40 17.67
CA PRO A 32 11.90 5.66 16.95
C PRO A 32 12.68 5.76 15.65
N GLU A 33 13.85 5.11 15.56
CA GLU A 33 14.71 5.27 14.40
C GLU A 33 14.16 4.60 13.14
N CYS A 34 13.27 3.61 13.29
CA CYS A 34 12.63 2.98 12.13
C CYS A 34 11.51 3.90 11.66
N ILE A 35 11.88 4.86 10.82
CA ILE A 35 10.98 5.93 10.38
C ILE A 35 9.80 5.43 9.54
N PRO A 36 9.99 4.48 8.59
CA PRO A 36 8.85 4.06 7.75
C PRO A 36 7.62 3.58 8.52
N LEU A 37 7.78 3.26 9.80
CA LEU A 37 6.64 2.84 10.62
C LEU A 37 6.02 4.04 11.32
N SER A 38 4.69 4.06 11.35
CA SER A 38 3.93 5.07 12.07
C SER A 38 2.83 4.41 12.88
N ARG A 39 2.42 5.07 13.97
CA ARG A 39 1.31 4.57 14.77
C ARG A 39 0.00 4.87 14.07
N GLN A 40 -0.90 3.89 14.06
CA GLN A 40 -2.16 3.99 13.35
C GLN A 40 -3.31 4.43 14.24
N LEU A 41 -3.13 4.43 15.55
CA LEU A 41 -4.22 4.64 16.50
C LEU A 41 -3.95 5.83 17.40
N ARG A 42 -4.92 6.12 18.26
CA ARG A 42 -4.72 6.96 19.44
C ARG A 42 -4.01 6.21 20.57
N ALA A 43 -3.07 5.32 20.21
CA ALA A 43 -2.32 4.52 21.17
C ALA A 43 -0.99 5.15 21.52
N GLY A 44 -0.91 6.48 21.54
CA GLY A 44 0.34 7.14 21.86
C GLY A 44 0.65 7.24 23.34
N ASP A 45 -0.34 7.02 24.20
CA ASP A 45 -0.16 7.16 25.63
C ASP A 45 0.24 5.86 26.32
N GLU A 46 0.13 4.73 25.63
CA GLU A 46 0.35 3.43 26.27
C GLU A 46 1.81 3.26 26.69
N ARG A 47 2.02 2.86 27.95
CA ARG A 47 3.36 2.56 28.41
C ARG A 47 3.91 1.33 27.70
N GLU A 48 3.20 0.21 27.77
CA GLU A 48 3.49 -0.98 26.99
C GLU A 48 2.31 -1.25 26.08
N HIS A 49 2.58 -1.51 24.80
CA HIS A 49 1.55 -1.76 23.82
C HIS A 49 1.91 -2.97 22.98
N ASP A 50 0.88 -3.65 22.47
CA ASP A 50 1.09 -4.78 21.58
C ASP A 50 1.64 -4.30 20.24
N ARG A 51 2.72 -4.91 19.79
CA ARG A 51 3.35 -4.59 18.51
C ARG A 51 3.39 -5.85 17.66
N SER A 52 2.21 -6.34 17.28
CA SER A 52 2.08 -7.55 16.48
C SER A 52 1.20 -7.38 15.24
N ARG A 53 0.39 -6.32 15.16
CA ARG A 53 -0.49 -6.08 14.03
C ARG A 53 0.10 -4.94 13.20
N PHE A 54 0.51 -5.26 11.97
CA PHE A 54 1.17 -4.29 11.09
C PHE A 54 0.50 -4.31 9.73
N TRP A 55 0.31 -3.12 9.16
CA TRP A 55 -0.27 -2.95 7.83
C TRP A 55 0.78 -2.37 6.90
N ILE A 56 0.80 -2.84 5.66
CA ILE A 56 1.83 -2.49 4.69
C ILE A 56 1.24 -1.59 3.62
N HIS A 57 2.03 -0.60 3.19
CA HIS A 57 1.58 0.42 2.27
C HIS A 57 1.25 -0.18 0.90
N PRO A 58 0.33 0.44 0.16
CA PRO A 58 0.14 0.05 -1.25
C PRO A 58 1.16 0.69 -2.17
N LEU A 59 0.76 0.99 -3.41
CA LEU A 59 1.71 1.47 -4.41
C LEU A 59 2.25 2.86 -4.06
N THR A 60 1.39 3.73 -3.52
CA THR A 60 1.81 5.09 -3.21
C THR A 60 2.86 5.14 -2.10
N GLY A 61 2.92 4.13 -1.24
CA GLY A 61 3.82 4.13 -0.11
C GLY A 61 3.27 4.78 1.13
N SER A 62 2.02 5.22 1.12
CA SER A 62 1.39 5.87 2.26
C SER A 62 0.41 4.91 2.94
N THR A 63 0.12 5.20 4.21
CA THR A 63 -0.82 4.42 5.00
C THR A 63 -2.14 5.13 5.21
N GLY A 64 -2.42 6.17 4.42
CA GLY A 64 -3.65 6.92 4.59
C GLY A 64 -4.90 6.11 4.35
N LEU A 65 -4.81 5.08 3.50
CA LEU A 65 -5.95 4.22 3.24
C LEU A 65 -6.34 3.38 4.46
N TYR A 66 -5.42 3.22 5.41
CA TYR A 66 -5.65 2.39 6.59
C TYR A 66 -6.07 3.19 7.82
N LEU A 67 -6.23 4.51 7.69
CA LEU A 67 -6.54 5.34 8.84
C LEU A 67 -7.95 5.10 9.35
N LYS A 68 -8.92 4.97 8.42
CA LYS A 68 -10.29 4.72 8.87
C LYS A 68 -10.42 3.34 9.47
N VAL A 69 -9.86 2.32 8.81
CA VAL A 69 -9.88 0.96 9.37
C VAL A 69 -9.33 0.98 10.80
N ALA A 70 -8.25 1.73 11.02
CA ALA A 70 -7.71 1.87 12.37
C ALA A 70 -8.70 2.56 13.29
N GLU A 71 -9.38 3.60 12.79
CA GLU A 71 -10.33 4.35 13.60
C GLU A 71 -11.39 3.44 14.22
N ASN A 72 -12.00 2.57 13.40
CA ASN A 72 -13.03 1.68 13.91
C ASN A 72 -12.48 0.56 14.79
N LEU A 73 -11.15 0.44 14.91
CA LEU A 73 -10.53 -0.60 15.71
C LEU A 73 -9.78 -0.06 16.92
N GLY A 74 -9.80 1.25 17.14
CA GLY A 74 -8.93 1.86 18.12
C GLY A 74 -9.18 1.40 19.55
N ASP A 75 -10.43 1.09 19.88
CA ASP A 75 -10.78 0.76 21.26
C ASP A 75 -10.34 -0.64 21.67
N ASP A 76 -10.15 -1.56 20.71
CA ASP A 76 -9.89 -2.95 21.03
C ASP A 76 -8.45 -3.36 20.74
N TYR A 77 -8.00 -3.23 19.49
CA TYR A 77 -6.69 -3.75 19.09
C TYR A 77 -5.87 -2.67 18.42
N ALA A 78 -4.56 -2.69 18.69
CA ALA A 78 -3.63 -1.70 18.17
C ALA A 78 -2.92 -2.23 16.94
N ILE A 79 -2.94 -1.45 15.86
CA ILE A 79 -2.27 -1.81 14.62
C ILE A 79 -1.28 -0.71 14.27
N TRP A 80 -0.33 -1.06 13.39
CA TRP A 80 0.71 -0.15 12.96
C TRP A 80 0.80 -0.17 11.44
N GLY A 81 1.21 0.97 10.87
CA GLY A 81 1.36 1.11 9.43
C GLY A 81 2.81 1.27 9.05
N ILE A 82 3.16 0.79 7.86
CA ILE A 82 4.51 0.87 7.33
C ILE A 82 4.47 1.66 6.03
N HIS A 83 5.36 2.64 5.91
CA HIS A 83 5.52 3.41 4.68
C HIS A 83 6.71 2.90 3.88
N SER A 84 6.80 3.38 2.64
CA SER A 84 7.95 3.06 1.81
C SER A 84 9.20 3.75 2.35
N ARG A 85 10.35 3.17 2.05
CA ARG A 85 11.61 3.79 2.41
C ARG A 85 11.83 5.02 1.54
N GLY A 86 11.94 6.18 2.18
CA GLY A 86 12.08 7.43 1.47
C GLY A 86 10.79 8.16 1.19
N PHE A 87 9.67 7.71 1.75
CA PHE A 87 8.39 8.39 1.53
C PHE A 87 8.31 9.66 2.35
N LEU A 88 8.47 9.54 3.68
CA LEU A 88 8.44 10.71 4.54
C LEU A 88 9.79 11.42 4.59
N THR A 89 10.87 10.68 4.43
CA THR A 89 12.22 11.20 4.60
C THR A 89 12.92 11.31 3.25
N ARG A 90 14.13 11.86 3.29
CA ARG A 90 14.97 12.05 2.11
C ARG A 90 15.84 10.84 1.83
N HIS A 91 15.34 9.62 2.07
CA HIS A 91 16.05 8.36 2.01
C HIS A 91 15.87 7.71 0.65
N PRO A 92 16.80 6.84 0.23
CA PRO A 92 16.70 6.21 -1.08
C PRO A 92 15.72 5.05 -1.04
N PRO A 93 14.86 4.93 -2.05
CA PRO A 93 13.87 3.85 -2.06
C PRO A 93 14.54 2.49 -2.24
N LEU A 94 13.73 1.45 -2.04
CA LEU A 94 14.17 0.08 -2.22
C LEU A 94 13.65 -0.46 -3.55
N LYS A 95 14.39 -1.42 -4.11
CA LYS A 95 14.19 -1.84 -5.50
C LYS A 95 13.27 -3.04 -5.67
N SER A 96 13.35 -4.04 -4.79
CA SER A 96 12.64 -5.29 -4.99
C SER A 96 11.71 -5.58 -3.81
N ILE A 97 10.66 -6.35 -4.10
CA ILE A 97 9.72 -6.77 -3.06
C ILE A 97 10.44 -7.55 -1.98
N GLU A 98 11.41 -8.37 -2.37
CA GLU A 98 12.20 -9.12 -1.38
C GLU A 98 13.02 -8.19 -0.51
N SER A 99 13.49 -7.07 -1.06
CA SER A 99 14.33 -6.16 -0.30
C SER A 99 13.52 -5.38 0.72
N MSE A 100 12.39 -4.81 0.31
CA MSE A 100 11.54 -4.04 1.22
C MSE A 100 10.96 -4.93 2.31
O MSE A 100 10.80 -4.50 3.44
CB MSE A 100 10.40 -3.34 0.47
CG MSE A 100 10.75 -2.85 -0.92
SE MSE A 100 9.15 -2.70 -2.00
CE MSE A 100 9.81 -1.44 -3.33
N ALA A 101 10.63 -6.17 1.93
CA ALA A 101 10.16 -7.13 2.92
C ALA A 101 11.19 -7.31 4.02
N ASN A 102 12.44 -7.57 3.65
CA ASN A 102 13.49 -7.84 4.64
C ASN A 102 13.71 -6.64 5.55
N TYR A 103 13.63 -5.42 5.01
CA TYR A 103 13.89 -4.24 5.85
C TYR A 103 12.77 -4.03 6.86
N TYR A 104 11.51 -4.18 6.45
CA TYR A 104 10.42 -3.97 7.39
C TYR A 104 10.34 -5.09 8.42
N ILE A 105 10.92 -6.25 8.13
CA ILE A 105 11.04 -7.29 9.16
C ILE A 105 11.97 -6.82 10.27
N GLU A 106 13.03 -6.10 9.91
CA GLU A 106 13.87 -5.46 10.93
C GLU A 106 13.05 -4.50 11.78
N ILE A 107 12.16 -3.72 11.14
CA ILE A 107 11.28 -2.83 11.89
C ILE A 107 10.36 -3.63 12.79
N LEU A 108 9.93 -4.82 12.33
CA LEU A 108 9.05 -5.66 13.12
C LEU A 108 9.81 -6.34 14.26
N GLN A 109 10.98 -6.90 13.96
CA GLN A 109 11.72 -7.64 14.98
C GLN A 109 12.33 -6.71 16.01
N ALA A 110 12.80 -5.54 15.58
CA ALA A 110 13.25 -4.51 16.52
C ALA A 110 12.01 -3.79 17.04
N GLY A 111 11.60 -4.15 18.26
CA GLY A 111 10.33 -3.70 18.83
C GLY A 111 9.46 -4.86 19.26
N ASN A 112 9.52 -5.98 18.55
CA ASN A 112 8.88 -7.23 18.95
C ASN A 112 9.89 -8.34 18.70
N ALA A 113 10.55 -8.80 19.77
CA ALA A 113 11.70 -9.68 19.61
C ALA A 113 11.30 -11.03 19.05
N THR A 114 10.28 -11.67 19.62
CA THR A 114 9.98 -13.05 19.26
C THR A 114 8.50 -13.29 18.95
N GLY A 115 7.62 -12.48 19.54
CA GLY A 115 6.19 -12.69 19.45
C GLY A 115 5.68 -12.82 18.03
N PRO A 116 4.63 -13.61 17.84
CA PRO A 116 4.07 -13.78 16.50
C PRO A 116 3.44 -12.50 15.99
N TYR A 117 3.45 -12.34 14.67
CA TYR A 117 3.01 -11.12 14.03
C TYR A 117 1.76 -11.36 13.20
N GLU A 118 0.95 -10.30 13.06
CA GLU A 118 -0.25 -10.31 12.22
C GLU A 118 -0.07 -9.22 11.17
N LEU A 119 0.04 -9.62 9.91
CA LEU A 119 0.34 -8.70 8.82
C LEU A 119 -0.86 -8.55 7.90
N ALA A 120 -1.05 -7.33 7.39
CA ALA A 120 -2.12 -7.04 6.44
C ALA A 120 -1.58 -6.13 5.35
N GLY A 121 -2.25 -6.14 4.21
CA GLY A 121 -1.83 -5.33 3.08
C GLY A 121 -2.88 -5.21 2.00
N TYR A 122 -2.94 -4.03 1.37
CA TYR A 122 -3.87 -3.75 0.28
C TYR A 122 -3.09 -3.56 -1.01
N SER A 123 -3.57 -4.17 -2.09
CA SER A 123 -2.91 -4.12 -3.38
C SER A 123 -1.46 -4.59 -3.27
N MSE A 124 -0.51 -3.68 -3.46
CA MSE A 124 0.90 -4.02 -3.35
C MSE A 124 1.24 -4.50 -1.94
O MSE A 124 2.05 -5.40 -1.77
CB MSE A 124 1.76 -2.81 -3.72
CG MSE A 124 3.21 -2.93 -3.27
SE MSE A 124 4.30 -1.41 -3.78
CE MSE A 124 6.04 -2.27 -3.73
N GLY A 125 0.61 -3.87 -0.95
CA GLY A 125 0.89 -4.23 0.44
C GLY A 125 0.61 -5.69 0.73
N GLY A 126 -0.44 -6.23 0.12
CA GLY A 126 -0.72 -7.65 0.29
C GLY A 126 0.39 -8.53 -0.25
N ILE A 127 0.99 -8.14 -1.37
CA ILE A 127 2.14 -8.85 -1.91
C ILE A 127 3.29 -8.81 -0.92
N ILE A 128 3.53 -7.65 -0.31
CA ILE A 128 4.66 -7.51 0.60
C ILE A 128 4.45 -8.37 1.84
N ALA A 129 3.30 -8.21 2.50
CA ALA A 129 3.01 -9.00 3.70
C ALA A 129 3.06 -10.49 3.42
N TYR A 130 2.68 -10.91 2.21
CA TYR A 130 2.83 -12.32 1.83
C TYR A 130 4.30 -12.71 1.79
N GLU A 131 5.14 -11.84 1.22
CA GLU A 131 6.57 -12.14 1.15
C GLU A 131 7.22 -12.16 2.52
N MSE A 132 6.68 -11.39 3.47
CA MSE A 132 7.18 -11.41 4.84
C MSE A 132 6.86 -12.74 5.51
O MSE A 132 7.73 -13.34 6.12
CB MSE A 132 6.58 -10.26 5.64
CG MSE A 132 6.66 -8.95 4.94
SE MSE A 132 6.03 -7.47 6.01
CE MSE A 132 7.04 -6.09 5.12
N ALA A 133 5.60 -13.16 5.38
CA ALA A 133 5.21 -14.48 5.87
C ALA A 133 6.10 -15.57 5.31
N ARG A 134 6.53 -15.41 4.05
CA ARG A 134 7.53 -16.30 3.49
C ARG A 134 8.86 -16.17 4.23
N GLN A 135 9.37 -14.94 4.34
CA GLN A 135 10.66 -14.73 4.97
C GLN A 135 10.62 -14.98 6.48
N LEU A 136 9.49 -14.65 7.11
CA LEU A 136 9.35 -14.90 8.55
C LEU A 136 9.30 -16.40 8.84
N GLN A 137 8.51 -17.14 8.07
CA GLN A 137 8.40 -18.58 8.29
C GLN A 137 9.64 -19.32 7.82
N LEU A 138 10.42 -18.74 6.90
CA LEU A 138 11.67 -19.38 6.50
C LEU A 138 12.64 -19.45 7.67
N ALA A 139 12.65 -18.43 8.51
CA ALA A 139 13.38 -18.48 9.77
C ALA A 139 12.57 -19.26 10.80
N GLY A 140 12.82 -19.03 12.08
CA GLY A 140 12.09 -19.71 13.12
C GLY A 140 10.84 -18.99 13.60
N TYR A 141 10.44 -17.92 12.92
CA TYR A 141 9.36 -17.07 13.40
C TYR A 141 8.01 -17.54 12.88
N ARG A 142 6.95 -17.06 13.53
CA ARG A 142 5.59 -17.48 13.27
C ARG A 142 4.72 -16.29 12.89
N VAL A 143 3.75 -16.52 12.02
CA VAL A 143 2.78 -15.51 11.62
C VAL A 143 1.40 -16.02 12.02
N SER A 144 0.69 -15.22 12.82
CA SER A 144 -0.62 -15.66 13.30
C SER A 144 -1.71 -15.44 12.25
N SER A 145 -1.76 -14.25 11.67
CA SER A 145 -2.80 -13.92 10.70
C SER A 145 -2.18 -13.19 9.51
N LEU A 146 -2.76 -13.44 8.33
CA LEU A 146 -2.37 -12.76 7.10
C LEU A 146 -3.63 -12.29 6.40
N ILE A 147 -3.79 -10.97 6.29
CA ILE A 147 -4.95 -10.36 5.66
C ILE A 147 -4.49 -9.73 4.35
N LEU A 148 -5.00 -10.26 3.24
CA LEU A 148 -4.64 -9.77 1.91
C LEU A 148 -5.85 -9.07 1.32
N LEU A 149 -5.75 -7.74 1.15
CA LEU A 149 -6.83 -6.93 0.61
C LEU A 149 -6.59 -6.73 -0.88
N GLU A 150 -7.00 -7.73 -1.66
CA GLU A 150 -6.87 -7.76 -3.11
C GLU A 150 -5.45 -7.49 -3.57
N PRO A 151 -4.49 -8.37 -3.28
CA PRO A 151 -3.16 -8.21 -3.85
C PRO A 151 -3.13 -8.71 -5.28
N PRO A 152 -2.63 -7.91 -6.21
CA PRO A 152 -2.54 -8.37 -7.60
C PRO A 152 -1.53 -9.51 -7.74
N PHE A 153 -1.79 -10.39 -8.69
CA PHE A 153 -0.92 -11.53 -8.94
C PHE A 153 -0.05 -11.24 -10.16
N PRO A 154 1.24 -10.97 -10.00
CA PRO A 154 2.09 -10.73 -11.17
C PRO A 154 2.63 -12.02 -11.78
N HIS A 155 2.42 -12.20 -13.08
CA HIS A 155 2.98 -13.32 -13.84
C HIS A 155 4.04 -12.77 -14.78
N PRO A 156 5.33 -12.78 -14.37
CA PRO A 156 6.35 -11.95 -15.04
C PRO A 156 6.31 -11.88 -16.56
N GLU A 157 6.21 -13.04 -17.23
CA GLU A 157 6.23 -13.02 -18.69
C GLU A 157 4.99 -12.33 -19.26
N HIS A 158 3.81 -12.96 -19.12
CA HIS A 158 2.57 -12.34 -19.56
C HIS A 158 2.43 -10.92 -19.01
N LEU A 159 3.01 -10.65 -17.85
CA LEU A 159 2.98 -9.30 -17.30
C LEU A 159 3.92 -8.37 -18.05
N HIS A 160 5.17 -8.80 -18.26
CA HIS A 160 6.13 -8.03 -19.02
C HIS A 160 6.03 -8.28 -20.54
N GLN A 161 5.15 -9.20 -20.96
CA GLN A 161 4.92 -9.38 -22.39
C GLN A 161 4.24 -8.16 -22.99
N SER A 162 3.33 -7.53 -22.24
CA SER A 162 2.74 -6.26 -22.64
C SER A 162 3.66 -5.12 -22.22
N SER A 163 3.79 -4.92 -20.91
CA SER A 163 4.77 -4.01 -20.31
C SER A 163 4.74 -2.58 -20.86
N PRO A 164 3.64 -1.84 -20.66
CA PRO A 164 3.69 -0.39 -20.90
C PRO A 164 3.76 0.40 -19.61
N PHE A 165 4.91 1.01 -19.32
CA PHE A 165 5.03 1.92 -18.19
C PHE A 165 5.92 3.08 -18.59
N TYR A 166 5.52 4.29 -18.19
CA TYR A 166 6.24 5.51 -18.51
C TYR A 166 6.41 6.34 -17.25
N TYR A 167 7.58 6.99 -17.13
CA TYR A 167 7.86 7.78 -15.94
C TYR A 167 6.92 8.97 -15.81
N HIS A 168 6.50 9.55 -16.94
CA HIS A 168 5.56 10.67 -16.87
C HIS A 168 4.21 10.26 -16.31
N ASP A 169 3.87 8.97 -16.39
CA ASP A 169 2.65 8.49 -15.73
C ASP A 169 2.81 8.56 -14.21
N ALA A 170 3.99 8.21 -13.69
CA ALA A 170 4.22 8.32 -12.26
C ALA A 170 4.18 9.77 -11.80
N LEU A 171 4.70 10.69 -12.63
CA LEU A 171 4.58 12.11 -12.33
C LEU A 171 3.13 12.52 -12.24
N LEU A 172 2.28 11.93 -13.10
CA LEU A 172 0.85 12.22 -13.05
C LEU A 172 0.24 11.76 -11.72
N MET A 173 0.55 10.53 -11.30
CA MET A 173 0.00 10.01 -10.06
C MET A 173 0.52 10.79 -8.86
N SER A 174 1.78 11.20 -8.88
CA SER A 174 2.35 11.92 -7.75
C SER A 174 1.74 13.32 -7.62
N ALA A 175 1.58 14.03 -8.75
CA ALA A 175 1.02 15.37 -8.69
C ALA A 175 -0.44 15.34 -8.26
N ASN A 176 -1.22 14.38 -8.78
CA ASN A 176 -2.62 14.28 -8.39
C ASN A 176 -2.76 13.85 -6.94
N PHE A 177 -1.88 12.96 -6.47
CA PHE A 177 -1.87 12.59 -5.06
C PHE A 177 -1.54 13.79 -4.19
N PHE A 178 -0.57 14.61 -4.62
CA PHE A 178 -0.28 15.84 -3.91
C PHE A 178 -1.45 16.81 -3.99
N LEU A 179 -2.10 16.90 -5.14
CA LEU A 179 -3.22 17.82 -5.30
C LEU A 179 -4.39 17.45 -4.39
N HIS A 180 -4.75 16.16 -4.38
CA HIS A 180 -5.86 15.71 -3.55
C HIS A 180 -5.55 15.87 -2.07
N TYR A 181 -4.31 15.56 -1.67
CA TYR A 181 -3.95 15.62 -0.26
C TYR A 181 -3.82 17.07 0.22
N SER A 182 -3.25 17.94 -0.61
CA SER A 182 -3.04 19.33 -0.20
C SER A 182 -4.36 20.07 -0.06
N LEU A 183 -5.31 19.80 -0.96
CA LEU A 183 -6.59 20.50 -0.99
C LEU A 183 -7.67 19.54 -0.50
N LYS A 184 -7.93 19.56 0.81
CA LYS A 184 -8.96 18.75 1.42
C LYS A 184 -10.22 19.56 1.73
N ASP A 185 -10.36 20.73 1.12
CA ASP A 185 -11.53 21.58 1.34
C ASP A 185 -12.60 21.20 0.31
N ILE A 186 -13.70 20.63 0.79
CA ILE A 186 -14.78 20.21 -0.11
C ILE A 186 -15.51 21.42 -0.67
N VAL A 187 -15.68 22.47 0.15
CA VAL A 187 -16.39 23.66 -0.29
C VAL A 187 -15.61 24.34 -1.40
N ALA A 188 -16.33 25.08 -2.26
CA ALA A 188 -15.77 25.79 -3.39
C ALA A 188 -14.96 24.86 -4.30
N ALA A 193 -14.85 21.24 -8.08
CA ALA A 193 -14.67 19.79 -8.00
C ALA A 193 -13.21 19.40 -8.21
N PHE A 194 -12.82 18.26 -7.68
CA PHE A 194 -11.43 17.81 -7.81
C PHE A 194 -11.16 17.15 -9.17
N GLU A 195 -12.19 16.64 -9.84
CA GLU A 195 -11.97 16.03 -11.16
C GLU A 195 -11.43 17.05 -12.15
N THR A 196 -11.91 18.29 -12.06
CA THR A 196 -11.31 19.37 -12.86
C THR A 196 -9.94 19.76 -12.33
N LEU A 197 -9.69 19.52 -11.04
CA LEU A 197 -8.40 19.85 -10.45
C LEU A 197 -7.31 18.90 -10.92
N ALA A 198 -7.66 17.63 -11.15
CA ALA A 198 -6.65 16.61 -11.42
C ALA A 198 -6.03 16.81 -12.80
N TYR A 199 -4.82 16.26 -12.95
CA TYR A 199 -4.10 16.31 -14.21
C TYR A 199 -4.54 15.17 -15.13
N ARG A 200 -4.09 15.22 -16.38
CA ARG A 200 -4.33 14.16 -17.34
C ARG A 200 -3.09 13.98 -18.19
N GLU A 201 -2.95 12.78 -18.77
CA GLU A 201 -1.75 12.44 -19.53
C GLU A 201 -1.57 13.37 -20.72
N GLN A 202 -2.66 13.72 -21.40
CA GLN A 202 -2.57 14.57 -22.59
C GLN A 202 -2.15 15.99 -22.28
N GLU A 203 -2.06 16.38 -21.00
CA GLU A 203 -1.59 17.71 -20.65
C GLU A 203 -0.09 17.86 -20.85
N LEU A 204 0.67 16.75 -20.82
CA LEU A 204 2.12 16.77 -20.97
C LEU A 204 2.57 16.47 -22.39
N MET A 205 1.69 16.67 -23.38
CA MET A 205 1.99 16.22 -24.73
C MET A 205 3.17 16.97 -25.34
N GLY A 206 3.18 18.29 -25.20
CA GLY A 206 4.24 19.08 -25.80
C GLY A 206 5.29 19.58 -24.84
N ILE A 207 5.41 18.91 -23.69
CA ILE A 207 6.33 19.33 -22.64
C ILE A 207 7.48 18.33 -22.56
N ASP A 208 8.71 18.86 -22.51
CA ASP A 208 9.88 18.01 -22.38
C ASP A 208 9.89 17.33 -21.01
N ALA A 209 10.56 16.18 -20.95
CA ALA A 209 10.63 15.43 -19.70
C ALA A 209 11.40 16.17 -18.62
N ASP A 210 12.36 17.01 -19.02
CA ASP A 210 13.11 17.79 -18.03
C ASP A 210 12.25 18.88 -17.40
N LYS A 211 11.34 19.47 -18.18
CA LYS A 211 10.47 20.53 -17.70
C LYS A 211 9.11 20.03 -17.26
N GLN A 212 8.94 18.71 -17.12
CA GLN A 212 7.63 18.17 -16.75
C GLN A 212 7.34 18.36 -15.26
N VAL A 213 8.34 18.12 -14.40
CA VAL A 213 8.13 18.29 -12.96
C VAL A 213 7.86 19.75 -12.62
N THR A 214 8.55 20.66 -13.30
CA THR A 214 8.29 22.09 -13.08
C THR A 214 6.89 22.46 -13.57
N TRP A 215 6.45 21.89 -14.68
CA TRP A 215 5.13 22.20 -15.21
C TRP A 215 4.03 21.73 -14.26
N LEU A 216 4.18 20.54 -13.69
CA LEU A 216 3.19 20.03 -12.75
C LEU A 216 3.19 20.83 -11.46
N ALA A 217 4.37 21.21 -10.97
CA ALA A 217 4.45 21.97 -9.73
C ALA A 217 3.95 23.39 -9.93
N GLU A 218 4.25 24.00 -11.07
CA GLU A 218 3.76 25.35 -11.35
C GLU A 218 2.24 25.38 -11.40
N GLY A 219 1.64 24.37 -12.06
CA GLY A 219 0.19 24.30 -12.11
C GLY A 219 -0.45 24.01 -10.77
N CYS A 220 0.28 23.32 -9.89
CA CYS A 220 -0.23 23.06 -8.54
C CYS A 220 -0.42 24.37 -7.78
N LEU A 221 0.60 25.24 -7.81
CA LEU A 221 0.48 26.53 -7.16
C LEU A 221 -0.62 27.36 -7.78
N ARG A 222 -0.80 27.26 -9.10
CA ARG A 222 -1.87 27.98 -9.78
C ARG A 222 -3.25 27.49 -9.36
N LYS A 223 -3.36 26.26 -8.86
CA LYS A 223 -4.64 25.67 -8.49
C LYS A 223 -4.99 25.90 -7.02
N GLY A 224 -4.16 26.62 -6.28
CA GLY A 224 -4.45 26.93 -4.89
C GLY A 224 -3.67 26.14 -3.87
N VAL A 225 -2.54 25.53 -4.24
CA VAL A 225 -1.75 24.76 -3.28
C VAL A 225 -1.01 25.68 -2.33
N GLU A 226 -0.70 26.90 -2.76
CA GLU A 226 0.07 27.90 -2.03
C GLU A 226 1.21 27.30 -1.22
N GLN A 227 2.24 26.84 -1.91
CA GLN A 227 3.46 26.31 -1.32
C GLN A 227 4.64 26.78 -2.16
N PRO A 228 5.85 26.80 -1.61
CA PRO A 228 7.01 27.16 -2.43
C PRO A 228 7.20 26.19 -3.58
N LEU A 229 7.56 26.74 -4.74
CA LEU A 229 7.70 25.92 -5.94
C LEU A 229 8.78 24.87 -5.77
N SER A 230 9.88 25.22 -5.11
CA SER A 230 10.96 24.26 -4.89
C SER A 230 10.51 23.11 -4.01
N VAL A 231 9.57 23.36 -3.10
CA VAL A 231 9.08 22.30 -2.22
C VAL A 231 8.21 21.32 -3.00
N VAL A 232 7.29 21.84 -3.81
CA VAL A 232 6.41 20.98 -4.58
C VAL A 232 7.17 20.22 -5.64
N LYS A 233 8.22 20.82 -6.22
CA LYS A 233 9.05 20.10 -7.18
C LYS A 233 9.75 18.93 -6.53
N GLU A 234 10.22 19.12 -5.29
CA GLU A 234 10.95 18.05 -4.60
C GLU A 234 10.02 16.91 -4.22
N LYS A 235 8.83 17.22 -3.70
CA LYS A 235 7.96 16.18 -3.18
C LYS A 235 7.21 15.45 -4.29
N ILE A 236 6.96 16.10 -5.43
CA ILE A 236 6.35 15.42 -6.56
C ILE A 236 7.31 14.38 -7.13
N GLU A 237 8.56 14.77 -7.38
CA GLU A 237 9.53 13.85 -7.97
C GLU A 237 9.99 12.80 -6.98
N ASN A 238 10.06 13.13 -5.68
CA ASN A 238 10.51 12.15 -4.70
C ASN A 238 9.53 11.00 -4.58
N MSE A 239 8.23 11.29 -4.58
CA MSE A 239 7.23 10.25 -4.50
C MSE A 239 7.09 9.53 -5.85
O MSE A 239 6.83 8.33 -5.90
CB MSE A 239 5.87 10.82 -4.08
CG MSE A 239 4.83 9.77 -3.76
SE MSE A 239 3.02 10.42 -4.00
CE MSE A 239 3.21 12.14 -3.09
N ALA A 240 7.26 10.30 -6.94
CA ALA A 240 7.27 9.68 -8.26
C ALA A 240 8.42 8.68 -8.40
N GLN A 241 9.55 8.96 -7.75
CA GLN A 241 10.63 7.99 -7.71
C GLN A 241 10.21 6.72 -6.97
N ILE A 242 9.36 6.86 -5.96
CA ILE A 242 8.89 5.69 -5.22
C ILE A 242 7.83 4.95 -6.01
N LEU A 243 6.95 5.67 -6.71
CA LEU A 243 5.93 5.03 -7.53
C LEU A 243 6.57 4.19 -8.63
N LYS A 244 7.62 4.71 -9.26
CA LYS A 244 8.32 3.94 -10.28
C LYS A 244 9.01 2.72 -9.70
N HIS A 245 9.64 2.88 -8.54
CA HIS A 245 10.35 1.75 -7.92
C HIS A 245 9.37 0.73 -7.36
N ASN A 246 8.28 1.20 -6.76
CA ASN A 246 7.28 0.28 -6.20
C ASN A 246 6.57 -0.48 -7.31
N ARG A 247 6.27 0.19 -8.43
CA ARG A 247 5.60 -0.49 -9.54
C ARG A 247 6.54 -1.47 -10.23
N GLU A 248 7.82 -1.10 -10.38
CA GLU A 248 8.78 -2.02 -10.97
C GLU A 248 9.04 -3.22 -10.08
N ALA A 249 9.01 -3.04 -8.76
CA ALA A 249 9.19 -4.16 -7.85
C ALA A 249 8.03 -5.15 -7.95
N MET A 250 6.82 -4.64 -8.16
CA MET A 250 5.66 -5.52 -8.33
C MET A 250 5.78 -6.38 -9.58
N ALA A 251 6.40 -5.83 -10.64
CA ALA A 251 6.47 -6.54 -11.90
C ALA A 251 7.52 -7.65 -11.89
N ALA A 252 8.56 -7.52 -11.07
CA ALA A 252 9.61 -8.51 -11.01
C ALA A 252 9.35 -9.60 -9.96
N TYR A 253 8.25 -9.50 -9.23
CA TYR A 253 8.01 -10.44 -8.13
C TYR A 253 7.58 -11.80 -8.66
N VAL A 254 8.16 -12.85 -8.09
CA VAL A 254 7.81 -14.24 -8.40
C VAL A 254 7.12 -14.81 -7.18
N VAL A 255 5.82 -15.06 -7.28
CA VAL A 255 5.05 -15.58 -6.16
C VAL A 255 5.50 -17.02 -5.88
N LYS A 256 5.93 -17.27 -4.66
CA LYS A 256 6.39 -18.59 -4.23
C LYS A 256 5.48 -19.11 -3.12
N ALA A 257 5.62 -20.39 -2.83
CA ALA A 257 4.78 -21.03 -1.83
C ALA A 257 5.20 -20.63 -0.42
N LEU A 258 4.20 -20.52 0.45
CA LEU A 258 4.47 -20.23 1.86
C LEU A 258 4.98 -21.48 2.57
N PRO A 259 6.12 -21.42 3.23
CA PRO A 259 6.54 -22.56 4.06
C PRO A 259 5.61 -22.74 5.25
N ASN A 260 4.85 -23.84 5.26
CA ASN A 260 3.84 -24.12 6.28
C ASN A 260 2.76 -23.03 6.29
N ALA A 261 1.96 -23.05 5.23
CA ALA A 261 0.90 -22.06 5.04
C ALA A 261 -0.29 -22.30 5.95
N HIS A 262 -0.49 -23.54 6.41
CA HIS A 262 -1.58 -23.84 7.33
C HIS A 262 -1.32 -23.30 8.73
N ASP A 263 -0.09 -22.86 9.01
CA ASP A 263 0.27 -22.23 10.27
C ASP A 263 -0.29 -20.82 10.39
N ILE A 264 -0.92 -20.29 9.34
CA ILE A 264 -1.39 -18.92 9.30
C ILE A 264 -2.90 -18.91 9.21
N ASP A 265 -3.51 -17.87 9.77
CA ASP A 265 -4.93 -17.57 9.59
C ASP A 265 -5.05 -16.74 8.32
N LEU A 266 -5.36 -17.41 7.21
CA LEU A 266 -5.36 -16.78 5.90
C LEU A 266 -6.71 -16.12 5.62
N HIS A 267 -6.68 -14.88 5.16
CA HIS A 267 -7.88 -14.11 4.88
C HIS A 267 -7.68 -13.31 3.61
N TYR A 268 -8.60 -13.46 2.66
CA TYR A 268 -8.57 -12.72 1.40
C TYR A 268 -9.79 -11.81 1.35
N MSE A 269 -9.55 -10.50 1.30
CA MSE A 269 -10.64 -9.54 1.23
C MSE A 269 -10.75 -8.96 -0.17
O MSE A 269 -9.83 -8.30 -0.65
CB MSE A 269 -10.43 -8.42 2.26
CG MSE A 269 -10.35 -8.91 3.69
SE MSE A 269 -11.10 -7.64 4.96
CE MSE A 269 -10.32 -8.35 6.58
N THR A 270 -11.89 -9.21 -0.82
CA THR A 270 -12.09 -8.73 -2.19
C THR A 270 -13.44 -8.03 -2.33
N VAL A 271 -13.84 -7.74 -3.57
CA VAL A 271 -15.06 -7.01 -3.83
C VAL A 271 -16.13 -7.96 -4.33
N SER A 272 -17.34 -7.43 -4.52
CA SER A 272 -18.45 -8.25 -4.99
C SER A 272 -18.29 -8.58 -6.47
N GLN A 273 -18.68 -9.81 -6.84
CA GLN A 273 -18.60 -10.29 -8.22
C GLN A 273 -17.21 -10.09 -8.82
N ASN A 293 -9.17 7.03 -13.48
CA ASN A 293 -8.08 6.75 -14.39
C ASN A 293 -7.03 5.91 -13.67
N ARG A 294 -6.03 6.55 -13.09
CA ARG A 294 -4.93 5.88 -12.37
C ARG A 294 -4.45 4.63 -13.11
N HIS A 295 -3.80 4.82 -14.26
CA HIS A 295 -3.27 3.71 -15.04
C HIS A 295 -1.75 3.63 -14.97
N VAL A 296 -1.17 4.08 -13.86
CA VAL A 296 0.25 3.81 -13.60
C VAL A 296 0.46 2.30 -13.49
N LEU A 297 -0.42 1.63 -12.75
CA LEU A 297 -0.43 0.18 -12.74
C LEU A 297 -0.74 -0.35 -14.13
N GLY A 298 -0.02 -1.39 -14.54
CA GLY A 298 -0.28 -2.00 -15.82
C GLY A 298 -1.64 -2.68 -15.86
N GLU A 299 -2.05 -3.04 -17.09
CA GLU A 299 -3.32 -3.74 -17.25
C GLU A 299 -3.28 -5.11 -16.58
N ALA A 300 -2.09 -5.71 -16.48
CA ALA A 300 -1.93 -6.99 -15.81
C ALA A 300 -1.72 -6.85 -14.32
N LEU A 301 -1.50 -5.64 -13.81
CA LEU A 301 -1.40 -5.39 -12.38
C LEU A 301 -2.71 -4.93 -11.76
N THR A 302 -3.72 -4.65 -12.57
CA THR A 302 -5.04 -4.35 -12.04
C THR A 302 -5.68 -5.62 -11.50
N HIS A 303 -6.18 -5.56 -10.26
CA HIS A 303 -6.70 -6.75 -9.60
C HIS A 303 -8.01 -7.18 -10.24
N ASP A 304 -8.04 -8.42 -10.73
CA ASP A 304 -9.24 -9.07 -11.24
C ASP A 304 -9.65 -10.19 -10.27
N GLU A 305 -10.72 -10.90 -10.64
CA GLU A 305 -11.02 -12.14 -9.95
C GLU A 305 -10.04 -13.24 -10.31
N SER A 306 -9.40 -13.15 -11.48
CA SER A 306 -8.36 -14.09 -11.84
C SER A 306 -7.17 -14.00 -10.89
N HIS A 307 -6.83 -12.78 -10.45
CA HIS A 307 -5.77 -12.62 -9.46
C HIS A 307 -6.15 -13.28 -8.15
N CYS A 308 -7.40 -13.10 -7.72
CA CYS A 308 -7.86 -13.73 -6.48
C CYS A 308 -7.84 -15.24 -6.61
N GLN A 309 -8.32 -15.78 -7.73
CA GLN A 309 -8.31 -17.22 -7.93
C GLN A 309 -6.88 -17.76 -8.02
N ARG A 310 -5.98 -16.98 -8.63
CA ARG A 310 -4.58 -17.39 -8.69
C ARG A 310 -3.93 -17.37 -7.32
N TRP A 311 -4.37 -16.46 -6.43
CA TRP A 311 -3.78 -16.37 -5.10
C TRP A 311 -4.24 -17.51 -4.20
N LEU A 312 -5.47 -17.99 -4.40
CA LEU A 312 -6.01 -19.04 -3.53
C LEU A 312 -5.27 -20.36 -3.67
N ASP A 313 -4.57 -20.57 -4.78
CA ASP A 313 -3.73 -21.76 -4.90
C ASP A 313 -2.58 -21.74 -3.91
N TYR A 314 -2.15 -20.55 -3.49
CA TYR A 314 -1.08 -20.39 -2.51
C TYR A 314 -1.60 -20.25 -1.09
N LEU A 315 -2.90 -20.01 -0.91
CA LEU A 315 -3.51 -19.79 0.40
C LEU A 315 -4.60 -20.83 0.63
N PRO A 316 -4.22 -22.04 1.06
CA PRO A 316 -5.23 -23.05 1.35
C PRO A 316 -5.96 -22.74 2.65
N GLY A 317 -7.27 -22.99 2.66
CA GLY A 317 -8.07 -22.71 3.82
C GLY A 317 -8.34 -21.24 4.08
N ALA A 318 -8.06 -20.37 3.12
CA ALA A 318 -8.27 -18.95 3.30
C ALA A 318 -9.76 -18.61 3.26
N GLN A 319 -10.17 -17.66 4.09
CA GLN A 319 -11.55 -17.20 4.14
C GLN A 319 -11.68 -15.95 3.25
N VAL A 320 -12.52 -16.05 2.22
CA VAL A 320 -12.68 -14.96 1.27
C VAL A 320 -13.79 -14.03 1.75
N PHE A 321 -13.42 -12.79 2.05
CA PHE A 321 -14.36 -11.77 2.50
C PHE A 321 -14.64 -10.81 1.34
N ARG A 322 -15.92 -10.61 1.04
CA ARG A 322 -16.35 -9.79 -0.08
C ARG A 322 -17.19 -8.62 0.41
N THR A 323 -16.93 -7.44 -0.13
CA THR A 323 -17.69 -6.23 0.17
C THR A 323 -18.40 -5.76 -1.09
N ARG A 324 -19.22 -4.72 -0.94
CA ARG A 324 -19.96 -4.14 -2.06
C ARG A 324 -19.26 -2.92 -2.63
N ALA A 325 -17.93 -2.89 -2.60
CA ALA A 325 -17.19 -1.79 -3.17
C ALA A 325 -17.37 -1.72 -4.68
N LYS A 326 -17.29 -0.51 -5.23
CA LYS A 326 -17.53 -0.33 -6.66
C LYS A 326 -16.40 -0.93 -7.49
N ASP A 327 -15.17 -0.84 -7.00
CA ASP A 327 -14.02 -1.28 -7.77
C ASP A 327 -12.92 -1.73 -6.81
N HIS A 328 -11.80 -2.18 -7.38
CA HIS A 328 -10.64 -2.52 -6.57
C HIS A 328 -10.03 -1.27 -5.94
N PHE A 329 -10.07 -0.15 -6.66
CA PHE A 329 -9.55 1.10 -6.12
C PHE A 329 -10.47 1.72 -5.08
N HIS A 330 -11.73 1.29 -5.03
CA HIS A 330 -12.69 1.78 -4.06
C HIS A 330 -12.86 0.83 -2.88
N LEU A 331 -12.00 -0.18 -2.75
CA LEU A 331 -12.15 -1.17 -1.69
C LEU A 331 -11.99 -0.51 -0.32
N LEU A 332 -11.05 0.43 -0.19
CA LEU A 332 -10.84 1.16 1.05
C LEU A 332 -11.27 2.62 0.94
N SER A 333 -12.10 2.94 -0.06
CA SER A 333 -12.60 4.30 -0.27
C SER A 333 -14.08 4.46 0.02
N GLU A 334 -14.91 3.50 -0.41
CA GLU A 334 -16.33 3.57 -0.12
C GLU A 334 -16.57 3.37 1.37
N ARG A 335 -17.35 4.28 1.97
CA ARG A 335 -17.53 4.30 3.42
C ARG A 335 -17.95 2.94 3.96
N GLU A 336 -18.94 2.32 3.31
CA GLU A 336 -19.47 1.06 3.82
C GLU A 336 -18.48 -0.09 3.64
N SER A 337 -17.69 -0.07 2.56
CA SER A 337 -16.70 -1.12 2.34
C SER A 337 -15.64 -1.12 3.44
N VAL A 338 -15.23 0.07 3.89
CA VAL A 338 -14.26 0.16 4.97
C VAL A 338 -14.86 -0.34 6.27
N ALA A 339 -16.16 -0.09 6.48
CA ALA A 339 -16.83 -0.58 7.69
C ALA A 339 -16.93 -2.10 7.70
N MET A 340 -17.25 -2.70 6.55
CA MET A 340 -17.28 -4.15 6.47
C MET A 340 -15.90 -4.75 6.69
N ILE A 341 -14.87 -4.11 6.13
CA ILE A 341 -13.50 -4.59 6.33
C ILE A 341 -13.08 -4.43 7.77
N SER A 342 -13.39 -3.28 8.39
CA SER A 342 -12.98 -3.05 9.76
C SER A 342 -13.69 -4.00 10.72
N ASP A 343 -14.97 -4.29 10.47
CA ASP A 343 -15.69 -5.25 11.30
C ASP A 343 -15.10 -6.65 11.15
N ARG A 344 -14.78 -7.04 9.92
CA ARG A 344 -14.14 -8.33 9.69
C ARG A 344 -12.73 -8.35 10.27
N CYS A 345 -11.97 -7.26 10.09
CA CYS A 345 -10.62 -7.18 10.66
C CYS A 345 -10.65 -7.35 12.17
N ARG A 346 -11.70 -6.83 12.81
CA ARG A 346 -11.82 -6.97 14.26
C ARG A 346 -11.91 -8.43 14.67
N THR A 347 -12.70 -9.22 13.94
CA THR A 347 -12.86 -10.63 14.28
C THR A 347 -11.55 -11.39 14.13
N ILE A 348 -10.77 -11.07 13.08
CA ILE A 348 -9.51 -11.77 12.86
C ILE A 348 -8.53 -11.49 14.00
N TYR A 349 -8.37 -10.21 14.36
CA TYR A 349 -7.51 -9.88 15.49
C TYR A 349 -8.11 -10.37 16.80
N GLN A 350 -9.44 -10.50 16.87
CA GLN A 350 -10.09 -11.06 18.04
C GLN A 350 -9.71 -12.52 18.24
N ASN A 351 -9.52 -13.25 17.15
CA ASN A 351 -9.22 -14.69 17.21
C ASN A 351 -7.77 -14.98 17.58
N ALA A 352 -7.03 -13.99 18.08
CA ALA A 352 -5.69 -14.25 18.59
C ALA A 352 -5.77 -15.13 19.82
N SER A 353 -4.95 -16.17 19.86
CA SER A 353 -4.97 -17.15 20.94
C SER A 353 -4.70 -16.51 22.30
#